data_1U2S
#
_entry.id   1U2S
#
_cell.length_a   68.83
_cell.length_b   68.83
_cell.length_c   268.34
_cell.angle_alpha   90
_cell.angle_beta   90
_cell.angle_gamma   120
#
_symmetry.space_group_name_H-M   'P 65 2 2'
#
loop_
_entity.id
_entity.type
_entity.pdbx_description
1 polymer sucrose-phosphatase
2 non-polymer alpha-D-glucopyranose
3 non-polymer 'MAGNESIUM ION'
4 water water
#
_entity_poly.entity_id   1
_entity_poly.type   'polypeptide(L)'
_entity_poly.pdbx_seq_one_letter_code
;MRQLLLISDLDNTWVGDQQALEHLQEYLGDRRGNFYLAYATGRSYHSARELQKQVGLMEPDYWLTAVGSEIYHPEGLDQH
WADYLSEHWQRDILQAIADGFEALKPQSPLEQNPWKISYHLDPQACPTVIDQLTEMLKETGIPVQVIFSSGKDVDLLPQR
SNKGNATQYLQQHLAMEPSQTLVCGDSGNDIGLFETSARGVIVRNAQPELLHWYDQWGDSRHYRAQSSHAGAILEAIAHF
DFLS
;
_entity_poly.pdbx_strand_id   A
#
loop_
_chem_comp.id
_chem_comp.type
_chem_comp.name
_chem_comp.formula
GLC D-saccharide, alpha linking alpha-D-glucopyranose 'C6 H12 O6'
MG non-polymer 'MAGNESIUM ION' 'Mg 2'
#
# COMPACT_ATOMS: atom_id res chain seq x y z
N MET A 1 12.61 -9.26 -17.40
CA MET A 1 14.10 -9.27 -17.30
C MET A 1 14.53 -9.85 -15.96
N ARG A 2 13.56 -10.06 -15.08
CA ARG A 2 13.80 -10.65 -13.77
C ARG A 2 12.61 -11.56 -13.53
N GLN A 3 12.78 -12.55 -12.66
CA GLN A 3 11.70 -13.49 -12.41
C GLN A 3 10.66 -13.08 -11.37
N LEU A 4 10.93 -12.01 -10.62
CA LEU A 4 9.98 -11.58 -9.61
C LEU A 4 9.92 -10.09 -9.36
N LEU A 5 8.71 -9.62 -9.10
CA LEU A 5 8.44 -8.23 -8.77
C LEU A 5 7.84 -8.34 -7.36
N LEU A 6 8.65 -7.99 -6.36
CA LEU A 6 8.23 -8.06 -4.96
C LEU A 6 7.71 -6.70 -4.50
N ILE A 7 6.44 -6.66 -4.12
CA ILE A 7 5.84 -5.42 -3.65
C ILE A 7 5.28 -5.65 -2.24
N SER A 8 5.76 -4.86 -1.29
CA SER A 8 5.33 -5.04 0.09
C SER A 8 5.15 -3.76 0.88
N ASP A 9 4.25 -3.81 1.84
CA ASP A 9 4.04 -2.67 2.70
C ASP A 9 5.16 -2.80 3.72
N LEU A 10 5.46 -1.74 4.44
CA LEU A 10 6.55 -1.77 5.42
C LEU A 10 6.07 -2.06 6.84
N ASP A 11 5.38 -1.11 7.45
CA ASP A 11 4.90 -1.27 8.81
C ASP A 11 3.97 -2.48 9.00
N ASN A 12 4.33 -3.32 9.96
CA ASN A 12 3.57 -4.51 10.32
C ASN A 12 3.61 -5.61 9.26
N THR A 13 4.35 -5.36 8.19
CA THR A 13 4.48 -6.33 7.11
C THR A 13 5.96 -6.68 7.03
N TRP A 14 6.71 -5.89 6.27
CA TRP A 14 8.14 -6.10 6.14
C TRP A 14 8.81 -5.78 7.49
N VAL A 15 8.37 -4.68 8.10
CA VAL A 15 8.90 -4.24 9.39
C VAL A 15 7.99 -4.69 10.52
N GLY A 16 8.56 -4.89 11.71
CA GLY A 16 7.78 -5.33 12.85
C GLY A 16 8.50 -6.40 13.63
N ASP A 17 8.98 -7.42 12.94
CA ASP A 17 9.72 -8.53 13.53
C ASP A 17 11.15 -8.41 12.99
N GLN A 18 12.04 -7.81 13.78
CA GLN A 18 13.41 -7.59 13.34
C GLN A 18 14.15 -8.83 12.87
N GLN A 19 14.02 -9.92 13.61
CA GLN A 19 14.69 -11.16 13.23
C GLN A 19 14.18 -11.70 11.89
N ALA A 20 12.87 -11.64 11.68
CA ALA A 20 12.27 -12.14 10.44
C ALA A 20 12.66 -11.22 9.28
N LEU A 21 12.77 -9.93 9.58
CA LEU A 21 13.16 -8.96 8.58
C LEU A 21 14.58 -9.25 8.13
N GLU A 22 15.46 -9.50 9.11
CA GLU A 22 16.86 -9.79 8.81
C GLU A 22 17.08 -11.09 8.05
N HIS A 23 16.33 -12.14 8.39
CA HIS A 23 16.53 -13.38 7.66
C HIS A 23 15.85 -13.35 6.29
N LEU A 24 14.88 -12.45 6.11
CA LEU A 24 14.22 -12.29 4.81
C LEU A 24 15.19 -11.54 3.90
N GLN A 25 15.81 -10.49 4.44
CA GLN A 25 16.75 -9.69 3.66
C GLN A 25 18.03 -10.46 3.41
N GLU A 26 18.30 -11.46 4.26
CA GLU A 26 19.49 -12.29 4.11
C GLU A 26 19.28 -13.20 2.90
N TYR A 27 18.12 -13.84 2.85
CA TYR A 27 17.77 -14.73 1.74
C TYR A 27 17.76 -13.95 0.42
N LEU A 28 17.04 -12.82 0.39
CA LEU A 28 16.95 -12.01 -0.82
C LEU A 28 18.31 -11.44 -1.25
N GLY A 29 19.15 -11.13 -0.27
CA GLY A 29 20.46 -10.58 -0.56
C GLY A 29 21.38 -11.55 -1.27
N ASP A 30 21.00 -12.82 -1.36
CA ASP A 30 21.82 -13.81 -2.04
C ASP A 30 21.37 -14.04 -3.48
N ARG A 31 20.34 -13.32 -3.90
CA ARG A 31 19.79 -13.44 -5.25
C ARG A 31 19.23 -12.09 -5.69
N ARG A 32 19.87 -11.02 -5.24
CA ARG A 32 19.42 -9.66 -5.55
C ARG A 32 19.10 -9.34 -7.00
N GLY A 33 19.85 -9.94 -7.93
CA GLY A 33 19.60 -9.67 -9.34
C GLY A 33 18.37 -10.33 -9.93
N ASN A 34 17.76 -11.24 -9.18
CA ASN A 34 16.59 -11.95 -9.68
C ASN A 34 15.23 -11.32 -9.41
N PHE A 35 15.20 -10.12 -8.85
CA PHE A 35 13.91 -9.51 -8.57
C PHE A 35 13.94 -8.00 -8.44
N TYR A 36 12.79 -7.39 -8.73
CA TYR A 36 12.66 -5.96 -8.58
C TYR A 36 11.99 -5.82 -7.23
N LEU A 37 12.35 -4.80 -6.48
CA LEU A 37 11.78 -4.60 -5.16
C LEU A 37 11.15 -3.23 -5.05
N ALA A 38 9.93 -3.18 -4.52
CA ALA A 38 9.23 -1.92 -4.34
C ALA A 38 8.48 -1.92 -3.02
N TYR A 39 8.64 -0.84 -2.27
CA TYR A 39 7.96 -0.70 -1.00
C TYR A 39 6.73 0.15 -1.29
N ALA A 40 5.56 -0.41 -0.99
CA ALA A 40 4.28 0.27 -1.19
C ALA A 40 3.81 0.63 0.22
N THR A 41 4.18 1.83 0.66
CA THR A 41 3.85 2.25 2.02
C THR A 41 2.87 3.42 2.12
N GLY A 42 2.27 3.56 3.29
CA GLY A 42 1.35 4.66 3.51
C GLY A 42 2.14 5.88 3.93
N ARG A 43 3.42 5.68 4.25
CA ARG A 43 4.32 6.75 4.67
C ARG A 43 4.76 7.62 3.50
N SER A 44 5.18 8.84 3.81
CA SER A 44 5.69 9.76 2.81
C SER A 44 7.05 9.18 2.44
N TYR A 45 7.66 9.67 1.37
CA TYR A 45 8.97 9.19 0.96
C TYR A 45 10.00 9.45 2.06
N HIS A 46 10.00 10.68 2.58
CA HIS A 46 10.94 11.06 3.63
C HIS A 46 10.80 10.16 4.85
N SER A 47 9.56 9.78 5.17
CA SER A 47 9.30 8.93 6.33
C SER A 47 9.74 7.48 6.08
N ALA A 48 9.56 7.00 4.85
CA ALA A 48 9.97 5.65 4.49
C ALA A 48 11.48 5.57 4.59
N ARG A 49 12.15 6.62 4.10
CA ARG A 49 13.60 6.72 4.12
C ARG A 49 14.12 6.69 5.55
N GLU A 50 13.40 7.36 6.44
CA GLU A 50 13.80 7.40 7.83
C GLU A 50 13.66 6.01 8.46
N LEU A 51 12.61 5.28 8.06
CA LEU A 51 12.39 3.94 8.60
C LEU A 51 13.54 3.03 8.16
N GLN A 52 13.96 3.18 6.90
CA GLN A 52 15.06 2.40 6.36
C GLN A 52 16.29 2.48 7.27
N LYS A 53 16.60 3.69 7.75
CA LYS A 53 17.75 3.90 8.62
C LYS A 53 17.59 3.22 9.98
N GLN A 54 16.36 3.26 10.50
CA GLN A 54 16.08 2.65 11.80
C GLN A 54 16.17 1.13 11.80
N VAL A 55 15.50 0.49 10.86
CA VAL A 55 15.50 -0.97 10.81
C VAL A 55 16.47 -1.58 9.79
N GLY A 56 17.15 -0.75 9.02
CA GLY A 56 18.08 -1.25 8.03
C GLY A 56 17.39 -1.93 6.87
N LEU A 57 16.45 -1.23 6.23
CA LEU A 57 15.72 -1.78 5.08
C LEU A 57 16.63 -1.87 3.87
N MET A 58 16.58 -2.99 3.15
CA MET A 58 17.42 -3.11 1.98
C MET A 58 16.91 -2.14 0.93
N GLU A 59 17.84 -1.56 0.18
CA GLU A 59 17.51 -0.61 -0.86
C GLU A 59 16.59 -1.23 -1.90
N PRO A 60 15.40 -0.64 -2.07
CA PRO A 60 14.42 -1.14 -3.04
C PRO A 60 14.68 -0.48 -4.39
N ASP A 61 14.08 -1.03 -5.44
CA ASP A 61 14.24 -0.47 -6.78
C ASP A 61 13.27 0.71 -6.93
N TYR A 62 12.10 0.59 -6.31
CA TYR A 62 11.08 1.64 -6.38
C TYR A 62 10.39 1.89 -5.06
N TRP A 63 9.95 3.13 -4.84
CA TRP A 63 9.23 3.49 -3.63
C TRP A 63 7.85 3.97 -4.04
N LEU A 64 6.81 3.24 -3.66
CA LEU A 64 5.44 3.65 -3.96
C LEU A 64 4.94 4.18 -2.62
N THR A 65 5.09 5.47 -2.42
CA THR A 65 4.74 6.10 -1.15
C THR A 65 3.36 6.75 -1.04
N ALA A 66 3.01 7.11 0.19
CA ALA A 66 1.74 7.73 0.51
C ALA A 66 0.59 6.99 -0.17
N VAL A 67 0.52 5.68 0.08
CA VAL A 67 -0.51 4.83 -0.49
C VAL A 67 -0.52 4.91 -2.01
N GLY A 68 0.68 4.99 -2.59
CA GLY A 68 0.79 5.07 -4.03
C GLY A 68 0.48 6.43 -4.65
N SER A 69 0.41 7.48 -3.85
CA SER A 69 0.13 8.80 -4.42
C SER A 69 1.39 9.40 -5.02
N GLU A 70 2.53 8.80 -4.71
CA GLU A 70 3.83 9.25 -5.24
C GLU A 70 4.70 8.04 -5.55
N ILE A 71 5.33 8.05 -6.72
CA ILE A 71 6.20 6.96 -7.12
C ILE A 71 7.63 7.46 -7.33
N TYR A 72 8.58 6.85 -6.63
CA TYR A 72 9.97 7.24 -6.77
C TYR A 72 10.79 6.19 -7.51
N HIS A 73 11.42 6.60 -8.60
CA HIS A 73 12.26 5.73 -9.41
C HIS A 73 13.68 5.86 -8.87
N PRO A 74 14.61 5.01 -9.35
CA PRO A 74 15.98 5.12 -8.84
C PRO A 74 16.49 6.53 -9.09
N GLU A 75 16.09 7.11 -10.23
CA GLU A 75 16.52 8.45 -10.60
C GLU A 75 15.61 9.59 -10.13
N GLY A 76 14.58 9.28 -9.37
CA GLY A 76 13.71 10.34 -8.88
C GLY A 76 12.20 10.17 -9.01
N LEU A 77 11.48 11.19 -8.54
CA LEU A 77 10.02 11.22 -8.57
C LEU A 77 9.45 11.10 -9.98
N ASP A 78 8.38 10.31 -10.12
CA ASP A 78 7.74 10.11 -11.41
C ASP A 78 6.77 11.27 -11.63
N GLN A 79 7.12 12.16 -12.57
CA GLN A 79 6.29 13.31 -12.86
C GLN A 79 5.08 12.92 -13.72
N HIS A 80 5.20 11.84 -14.48
CA HIS A 80 4.10 11.37 -15.31
C HIS A 80 2.97 10.86 -14.42
N TRP A 81 3.34 10.13 -13.37
CA TRP A 81 2.36 9.58 -12.44
C TRP A 81 1.65 10.74 -11.73
N ALA A 82 2.41 11.77 -11.37
CA ALA A 82 1.86 12.94 -10.71
C ALA A 82 0.84 13.66 -11.60
N ASP A 83 1.22 13.94 -12.85
CA ASP A 83 0.31 14.63 -13.76
C ASP A 83 -0.91 13.78 -14.02
N TYR A 84 -0.69 12.47 -14.10
CA TYR A 84 -1.76 11.52 -14.35
C TYR A 84 -2.75 11.55 -13.17
N LEU A 85 -2.22 11.59 -11.94
CA LEU A 85 -3.08 11.62 -10.75
C LEU A 85 -3.76 12.98 -10.59
N SER A 86 -3.22 14.01 -11.23
CA SER A 86 -3.77 15.35 -11.15
C SER A 86 -4.99 15.62 -12.02
N GLU A 87 -5.19 14.81 -13.05
CA GLU A 87 -6.34 15.00 -13.93
C GLU A 87 -7.67 14.82 -13.21
N HIS A 88 -8.48 15.87 -13.19
CA HIS A 88 -9.80 15.82 -12.57
C HIS A 88 -9.81 15.81 -11.04
N TRP A 89 -8.64 15.85 -10.42
CA TRP A 89 -8.55 15.84 -8.96
C TRP A 89 -8.85 17.21 -8.37
N GLN A 90 -9.79 17.26 -7.44
CA GLN A 90 -10.21 18.50 -6.78
C GLN A 90 -9.96 18.36 -5.28
N ARG A 91 -8.71 18.51 -4.87
CA ARG A 91 -8.37 18.35 -3.46
C ARG A 91 -9.16 19.23 -2.51
N ASP A 92 -9.17 20.54 -2.77
CA ASP A 92 -9.87 21.49 -1.91
C ASP A 92 -11.35 21.18 -1.66
N ILE A 93 -12.07 20.82 -2.71
CA ILE A 93 -13.48 20.49 -2.59
C ILE A 93 -13.66 19.27 -1.68
N LEU A 94 -12.91 18.22 -1.96
CA LEU A 94 -13.00 16.99 -1.15
C LEU A 94 -12.64 17.28 0.31
N GLN A 95 -11.61 18.10 0.51
CA GLN A 95 -11.15 18.44 1.86
C GLN A 95 -12.22 19.23 2.62
N ALA A 96 -12.92 20.11 1.92
CA ALA A 96 -13.98 20.90 2.55
C ALA A 96 -15.07 19.97 3.09
N ILE A 97 -15.42 18.96 2.31
CA ILE A 97 -16.43 18.00 2.70
C ILE A 97 -15.96 17.19 3.90
N ALA A 98 -14.79 16.57 3.78
CA ALA A 98 -14.25 15.77 4.87
C ALA A 98 -14.04 16.57 6.16
N ASP A 99 -13.57 17.83 6.03
CA ASP A 99 -13.36 18.63 7.23
C ASP A 99 -14.65 18.89 8.02
N GLY A 100 -15.78 18.79 7.32
CA GLY A 100 -17.06 19.02 7.97
C GLY A 100 -17.61 17.89 8.82
N PHE A 101 -16.90 16.77 8.89
CA PHE A 101 -17.33 15.63 9.69
C PHE A 101 -16.74 15.69 11.09
N GLU A 102 -17.59 15.91 12.08
CA GLU A 102 -17.15 16.02 13.47
C GLU A 102 -16.26 14.86 13.92
N ALA A 103 -16.59 13.66 13.46
CA ALA A 103 -15.84 12.45 13.84
C ALA A 103 -14.45 12.34 13.22
N LEU A 104 -14.14 13.22 12.28
CA LEU A 104 -12.83 13.19 11.63
C LEU A 104 -11.94 14.35 12.06
N LYS A 105 -10.69 14.05 12.33
CA LYS A 105 -9.70 15.05 12.72
C LYS A 105 -8.56 14.90 11.71
N PRO A 106 -8.13 16.01 11.10
CA PRO A 106 -7.04 15.97 10.12
C PRO A 106 -5.77 15.38 10.71
N GLN A 107 -5.07 14.56 9.91
CA GLN A 107 -3.80 14.01 10.37
C GLN A 107 -2.82 15.16 10.21
N SER A 108 -1.62 15.03 10.79
CA SER A 108 -0.61 16.08 10.69
C SER A 108 -0.32 16.50 9.26
N PRO A 109 0.06 17.76 9.05
CA PRO A 109 0.37 18.28 7.72
C PRO A 109 1.35 17.41 6.93
N LEU A 110 2.37 16.90 7.61
CA LEU A 110 3.37 16.06 6.93
C LEU A 110 2.81 14.76 6.37
N GLU A 111 1.59 14.41 6.73
CA GLU A 111 0.96 13.18 6.23
C GLU A 111 0.15 13.51 4.98
N GLN A 112 0.06 14.80 4.67
CA GLN A 112 -0.69 15.26 3.51
C GLN A 112 0.19 15.57 2.32
N ASN A 113 -0.38 15.51 1.12
CA ASN A 113 0.31 15.85 -0.11
C ASN A 113 -0.79 16.21 -1.12
N PRO A 114 -0.42 16.79 -2.27
CA PRO A 114 -1.41 17.18 -3.28
C PRO A 114 -2.48 16.14 -3.64
N TRP A 115 -2.11 14.86 -3.60
CA TRP A 115 -3.04 13.78 -3.96
C TRP A 115 -3.45 12.91 -2.78
N LYS A 116 -3.33 13.44 -1.57
CA LYS A 116 -3.68 12.66 -0.39
C LYS A 116 -4.19 13.51 0.77
N ILE A 117 -5.44 13.28 1.15
CA ILE A 117 -6.09 14.00 2.25
C ILE A 117 -6.34 12.96 3.35
N SER A 118 -5.67 13.10 4.48
CA SER A 118 -5.83 12.12 5.56
C SER A 118 -6.36 12.62 6.88
N TYR A 119 -7.15 11.77 7.53
CA TYR A 119 -7.77 12.09 8.81
C TYR A 119 -7.71 10.88 9.72
N HIS A 120 -8.09 11.09 10.98
CA HIS A 120 -8.16 10.03 11.97
C HIS A 120 -9.62 9.99 12.40
N LEU A 121 -10.19 8.79 12.48
CA LEU A 121 -11.57 8.65 12.90
C LEU A 121 -11.59 8.56 14.42
N ASP A 122 -12.53 9.27 15.05
CA ASP A 122 -12.67 9.27 16.50
C ASP A 122 -12.92 7.85 16.99
N PRO A 123 -12.13 7.38 17.97
CA PRO A 123 -12.26 6.03 18.54
C PRO A 123 -13.64 5.75 19.12
N GLN A 124 -14.37 6.81 19.46
CA GLN A 124 -15.70 6.69 20.04
C GLN A 124 -16.79 6.83 18.99
N ALA A 125 -16.40 7.21 17.78
CA ALA A 125 -17.36 7.40 16.70
C ALA A 125 -17.70 6.10 15.99
N CYS A 126 -18.92 6.04 15.47
CA CYS A 126 -19.39 4.86 14.74
C CYS A 126 -18.76 4.81 13.33
N PRO A 127 -18.07 3.70 13.02
CA PRO A 127 -17.42 3.47 11.73
C PRO A 127 -18.29 3.65 10.48
N THR A 128 -19.62 3.56 10.65
CA THR A 128 -20.52 3.72 9.52
C THR A 128 -20.40 5.13 8.94
N VAL A 129 -19.79 6.04 9.70
CA VAL A 129 -19.60 7.40 9.26
C VAL A 129 -18.66 7.42 8.05
N ILE A 130 -17.84 6.39 7.90
CA ILE A 130 -16.93 6.30 6.77
C ILE A 130 -17.79 6.08 5.52
N ASP A 131 -18.85 5.28 5.66
CA ASP A 131 -19.75 4.98 4.56
C ASP A 131 -20.45 6.27 4.10
N GLN A 132 -20.85 7.10 5.06
CA GLN A 132 -21.53 8.36 4.74
C GLN A 132 -20.56 9.28 4.02
N LEU A 133 -19.32 9.35 4.51
CA LEU A 133 -18.29 10.16 3.90
C LEU A 133 -18.06 9.70 2.47
N THR A 134 -17.89 8.40 2.29
CA THR A 134 -17.66 7.83 0.97
C THR A 134 -18.76 8.20 -0.01
N GLU A 135 -20.01 7.98 0.38
CA GLU A 135 -21.13 8.31 -0.49
C GLU A 135 -21.16 9.79 -0.83
N MET A 136 -21.02 10.63 0.18
CA MET A 136 -21.03 12.07 -0.03
C MET A 136 -19.91 12.52 -0.98
N LEU A 137 -18.69 12.03 -0.76
CA LEU A 137 -17.56 12.40 -1.60
C LEU A 137 -17.73 11.96 -3.05
N LYS A 138 -18.16 10.72 -3.25
CA LYS A 138 -18.33 10.24 -4.61
C LYS A 138 -19.42 10.96 -5.39
N GLU A 139 -20.47 11.40 -4.71
CA GLU A 139 -21.55 12.11 -5.39
C GLU A 139 -21.10 13.47 -5.89
N THR A 140 -19.86 13.86 -5.58
CA THR A 140 -19.34 15.13 -6.06
C THR A 140 -18.94 14.95 -7.52
N GLY A 141 -18.85 13.68 -7.94
CA GLY A 141 -18.46 13.40 -9.31
C GLY A 141 -16.96 13.46 -9.49
N ILE A 142 -16.26 13.84 -8.42
CA ILE A 142 -14.80 13.94 -8.46
C ILE A 142 -14.28 12.53 -8.27
N PRO A 143 -13.45 12.04 -9.20
CA PRO A 143 -12.89 10.69 -9.10
C PRO A 143 -12.06 10.51 -7.82
N VAL A 144 -12.73 10.18 -6.74
CA VAL A 144 -12.09 10.01 -5.44
C VAL A 144 -12.24 8.60 -4.91
N GLN A 145 -11.33 8.24 -4.01
CA GLN A 145 -11.28 6.92 -3.40
C GLN A 145 -11.13 7.10 -1.90
N VAL A 146 -11.75 6.23 -1.12
CA VAL A 146 -11.64 6.33 0.34
C VAL A 146 -10.97 5.09 0.90
N ILE A 147 -9.87 5.30 1.63
CA ILE A 147 -9.15 4.19 2.23
C ILE A 147 -9.27 4.22 3.73
N PHE A 148 -9.76 3.12 4.29
CA PHE A 148 -9.97 3.00 5.73
C PHE A 148 -9.18 1.82 6.27
N SER A 149 -8.23 2.09 7.15
CA SER A 149 -7.40 1.03 7.71
C SER A 149 -7.13 1.17 9.20
N SER A 150 -6.93 0.03 9.86
CA SER A 150 -6.68 -0.02 11.30
C SER A 150 -7.81 0.63 12.09
N GLY A 151 -9.01 0.63 11.49
CA GLY A 151 -10.17 1.23 12.14
C GLY A 151 -9.95 2.65 12.61
N LYS A 152 -8.89 3.29 12.12
CA LYS A 152 -8.56 4.65 12.55
C LYS A 152 -8.14 5.60 11.41
N ASP A 153 -7.34 5.09 10.48
CA ASP A 153 -6.82 5.91 9.38
C ASP A 153 -7.72 6.02 8.16
N VAL A 154 -7.98 7.25 7.74
CA VAL A 154 -8.82 7.53 6.59
C VAL A 154 -8.01 8.31 5.56
N ASP A 155 -7.90 7.77 4.34
CA ASP A 155 -7.15 8.45 3.29
C ASP A 155 -8.02 8.76 2.08
N LEU A 156 -7.95 9.99 1.60
CA LEU A 156 -8.70 10.39 0.41
C LEU A 156 -7.70 10.51 -0.73
N LEU A 157 -7.90 9.71 -1.77
CA LEU A 157 -7.01 9.71 -2.92
C LEU A 157 -7.75 9.70 -4.25
N PRO A 158 -7.05 10.04 -5.34
CA PRO A 158 -7.67 10.04 -6.66
C PRO A 158 -7.98 8.58 -6.97
N GLN A 159 -8.99 8.32 -7.79
CA GLN A 159 -9.34 6.94 -8.13
C GLN A 159 -8.18 6.24 -8.80
N ARG A 160 -7.38 7.00 -9.55
CA ARG A 160 -6.24 6.46 -10.26
C ARG A 160 -5.09 6.04 -9.36
N SER A 161 -5.11 6.45 -8.10
CA SER A 161 -4.05 6.09 -7.18
C SER A 161 -4.41 4.74 -6.55
N ASN A 162 -3.78 4.38 -5.42
CA ASN A 162 -3.99 3.07 -4.77
C ASN A 162 -2.61 2.42 -4.80
N LYS A 163 -2.33 1.51 -3.86
CA LYS A 163 -1.05 0.82 -3.90
C LYS A 163 -1.16 -0.16 -5.07
N GLY A 164 -2.39 -0.58 -5.35
CA GLY A 164 -2.66 -1.51 -6.43
C GLY A 164 -2.54 -0.87 -7.80
N ASN A 165 -3.14 0.30 -7.99
CA ASN A 165 -3.02 0.96 -9.30
C ASN A 165 -1.58 1.37 -9.58
N ALA A 166 -0.83 1.74 -8.54
CA ALA A 166 0.57 2.11 -8.71
C ALA A 166 1.34 0.83 -9.09
N THR A 167 0.91 -0.30 -8.52
CA THR A 167 1.55 -1.57 -8.81
C THR A 167 1.35 -1.95 -10.27
N GLN A 168 0.12 -1.82 -10.78
CA GLN A 168 -0.17 -2.15 -12.17
C GLN A 168 0.57 -1.22 -13.12
N TYR A 169 0.79 0.01 -12.66
CA TYR A 169 1.53 0.98 -13.44
C TYR A 169 2.99 0.54 -13.51
N LEU A 170 3.52 0.09 -12.36
CA LEU A 170 4.90 -0.37 -12.26
C LEU A 170 5.12 -1.64 -13.08
N GLN A 171 4.17 -2.56 -13.02
CA GLN A 171 4.26 -3.81 -13.78
C GLN A 171 4.39 -3.50 -15.26
N GLN A 172 3.57 -2.59 -15.74
CA GLN A 172 3.58 -2.19 -17.13
C GLN A 172 4.92 -1.53 -17.48
N HIS A 173 5.44 -0.73 -16.54
CA HIS A 173 6.70 -0.04 -16.72
C HIS A 173 7.90 -0.99 -16.76
N LEU A 174 7.81 -2.08 -16.00
CA LEU A 174 8.88 -3.06 -15.91
C LEU A 174 8.67 -4.29 -16.81
N ALA A 175 7.52 -4.32 -17.49
CA ALA A 175 7.19 -5.45 -18.35
C ALA A 175 7.16 -6.74 -17.52
N MET A 176 6.63 -6.65 -16.30
CA MET A 176 6.50 -7.80 -15.42
C MET A 176 5.03 -8.23 -15.37
N GLU A 177 4.79 -9.53 -15.48
CA GLU A 177 3.44 -10.08 -15.46
C GLU A 177 2.90 -10.25 -14.03
N PRO A 178 1.57 -10.29 -13.88
CA PRO A 178 0.95 -10.45 -12.56
C PRO A 178 1.40 -11.77 -11.93
N SER A 179 1.62 -12.77 -12.77
CA SER A 179 2.05 -14.10 -12.34
C SER A 179 3.45 -14.06 -11.73
N GLN A 180 4.23 -13.05 -12.12
CA GLN A 180 5.60 -12.88 -11.64
C GLN A 180 5.63 -11.85 -10.52
N THR A 181 4.46 -11.40 -10.08
CA THR A 181 4.37 -10.39 -9.04
C THR A 181 3.81 -10.93 -7.73
N LEU A 182 4.35 -10.45 -6.61
CA LEU A 182 3.88 -10.84 -5.29
C LEU A 182 3.69 -9.60 -4.44
N VAL A 183 2.45 -9.36 -4.03
CA VAL A 183 2.11 -8.21 -3.19
C VAL A 183 1.94 -8.71 -1.76
N CYS A 184 2.40 -7.91 -0.80
CA CYS A 184 2.33 -8.27 0.61
C CYS A 184 1.70 -7.12 1.41
N GLY A 185 0.76 -7.44 2.29
CA GLY A 185 0.10 -6.41 3.07
C GLY A 185 -0.47 -6.87 4.40
N ASP A 186 -0.97 -5.91 5.19
CA ASP A 186 -1.53 -6.20 6.51
C ASP A 186 -2.80 -5.42 6.84
N SER A 187 -3.09 -4.35 6.10
CA SER A 187 -4.26 -3.54 6.41
C SER A 187 -5.13 -3.12 5.24
N GLY A 188 -6.13 -2.30 5.56
CA GLY A 188 -7.04 -1.80 4.56
C GLY A 188 -6.38 -0.98 3.47
N ASN A 189 -5.18 -0.44 3.73
CA ASN A 189 -4.51 0.36 2.70
C ASN A 189 -3.73 -0.53 1.74
N ASP A 190 -3.90 -1.84 1.89
CA ASP A 190 -3.24 -2.82 1.03
C ASP A 190 -4.26 -3.58 0.20
N ILE A 191 -5.54 -3.31 0.44
CA ILE A 191 -6.61 -3.97 -0.30
C ILE A 191 -6.46 -3.74 -1.80
N GLY A 192 -6.03 -2.54 -2.17
CA GLY A 192 -5.84 -2.22 -3.58
C GLY A 192 -4.80 -3.14 -4.21
N LEU A 193 -3.86 -3.62 -3.39
CA LEU A 193 -2.84 -4.53 -3.90
C LEU A 193 -3.45 -5.89 -4.22
N PHE A 194 -4.36 -6.33 -3.36
CA PHE A 194 -5.01 -7.62 -3.54
C PHE A 194 -6.11 -7.61 -4.58
N GLU A 195 -6.55 -6.41 -4.98
CA GLU A 195 -7.57 -6.28 -6.02
C GLU A 195 -6.86 -6.54 -7.34
N THR A 196 -5.55 -6.39 -7.32
CA THR A 196 -4.67 -6.62 -8.47
C THR A 196 -4.68 -8.12 -8.80
N SER A 197 -4.27 -8.47 -10.01
CA SER A 197 -4.25 -9.88 -10.41
C SER A 197 -2.94 -10.57 -10.04
N ALA A 198 -2.09 -9.88 -9.29
CA ALA A 198 -0.82 -10.46 -8.88
C ALA A 198 -1.04 -11.44 -7.73
N ARG A 199 -0.03 -12.25 -7.47
CA ARG A 199 -0.11 -13.20 -6.36
C ARG A 199 0.04 -12.31 -5.13
N GLY A 200 -0.67 -12.63 -4.05
CA GLY A 200 -0.57 -11.82 -2.86
C GLY A 200 -0.49 -12.64 -1.59
N VAL A 201 0.10 -12.06 -0.55
CA VAL A 201 0.20 -12.72 0.74
C VAL A 201 -0.30 -11.78 1.82
N ILE A 202 -1.15 -12.32 2.69
CA ILE A 202 -1.71 -11.57 3.80
C ILE A 202 -1.02 -12.07 5.07
N VAL A 203 -0.30 -11.19 5.73
CA VAL A 203 0.42 -11.53 6.97
C VAL A 203 -0.53 -12.02 8.06
N ARG A 204 -0.03 -12.93 8.90
CA ARG A 204 -0.83 -13.47 9.98
C ARG A 204 -1.35 -12.38 10.91
N ASN A 205 -0.56 -11.32 11.11
CA ASN A 205 -0.94 -10.22 11.99
C ASN A 205 -1.75 -9.14 11.26
N ALA A 206 -2.44 -9.53 10.20
CA ALA A 206 -3.23 -8.59 9.42
C ALA A 206 -4.35 -7.96 10.24
N GLN A 207 -4.70 -6.72 9.87
CA GLN A 207 -5.76 -5.96 10.53
C GLN A 207 -7.12 -6.56 10.17
N PRO A 208 -8.14 -6.33 11.01
CA PRO A 208 -9.48 -6.85 10.77
C PRO A 208 -10.08 -6.56 9.39
N GLU A 209 -9.91 -5.34 8.89
CA GLU A 209 -10.47 -4.98 7.59
C GLU A 209 -9.95 -5.87 6.48
N LEU A 210 -8.65 -6.14 6.49
CA LEU A 210 -8.06 -6.98 5.46
C LEU A 210 -8.57 -8.42 5.58
N LEU A 211 -8.63 -8.96 6.79
CA LEU A 211 -9.11 -10.32 6.99
C LEU A 211 -10.54 -10.44 6.49
N HIS A 212 -11.37 -9.43 6.81
CA HIS A 212 -12.75 -9.45 6.36
C HIS A 212 -12.80 -9.39 4.83
N TRP A 213 -11.91 -8.60 4.26
CA TRP A 213 -11.85 -8.47 2.81
C TRP A 213 -11.56 -9.83 2.19
N TYR A 214 -10.55 -10.51 2.72
CA TYR A 214 -10.17 -11.83 2.23
C TYR A 214 -11.34 -12.81 2.25
N ASP A 215 -12.09 -12.82 3.36
CA ASP A 215 -13.24 -13.71 3.49
C ASP A 215 -14.25 -13.54 2.36
N GLN A 216 -14.36 -12.33 1.83
CA GLN A 216 -15.30 -12.04 0.76
C GLN A 216 -14.74 -12.08 -0.67
N TRP A 217 -13.54 -11.56 -0.87
CA TRP A 217 -12.96 -11.52 -2.20
C TRP A 217 -11.76 -12.42 -2.43
N GLY A 218 -11.26 -13.05 -1.38
CA GLY A 218 -10.11 -13.92 -1.50
C GLY A 218 -10.26 -14.98 -2.58
N ASP A 219 -9.30 -15.03 -3.48
CA ASP A 219 -9.29 -16.00 -4.56
C ASP A 219 -8.05 -16.90 -4.41
N SER A 220 -7.79 -17.73 -5.41
CA SER A 220 -6.66 -18.65 -5.37
C SER A 220 -5.29 -17.98 -5.50
N ARG A 221 -5.25 -16.72 -5.89
CA ARG A 221 -3.98 -16.03 -6.02
C ARG A 221 -3.63 -15.39 -4.67
N HIS A 222 -4.60 -15.40 -3.76
CA HIS A 222 -4.41 -14.82 -2.43
C HIS A 222 -4.08 -15.86 -1.36
N TYR A 223 -2.88 -15.75 -0.80
CA TYR A 223 -2.43 -16.69 0.22
C TYR A 223 -2.44 -16.08 1.62
N ARG A 224 -3.14 -16.75 2.54
CA ARG A 224 -3.21 -16.29 3.92
C ARG A 224 -2.12 -17.03 4.70
N ALA A 225 -1.06 -16.31 5.04
CA ALA A 225 0.10 -16.88 5.73
C ALA A 225 -0.07 -17.20 7.21
N GLN A 226 0.71 -18.16 7.70
CA GLN A 226 0.69 -18.53 9.11
C GLN A 226 1.70 -17.66 9.84
N SER A 227 2.75 -17.27 9.12
CA SER A 227 3.80 -16.44 9.69
C SER A 227 3.33 -14.98 9.70
N SER A 228 3.88 -14.21 10.62
CA SER A 228 3.54 -12.80 10.72
C SER A 228 4.75 -12.00 10.26
N HIS A 229 4.51 -10.73 9.92
CA HIS A 229 5.56 -9.83 9.47
C HIS A 229 6.38 -10.38 8.29
N ALA A 230 7.67 -10.07 8.26
CA ALA A 230 8.55 -10.52 7.18
C ALA A 230 8.51 -12.04 6.93
N GLY A 231 8.28 -12.82 7.98
CA GLY A 231 8.23 -14.26 7.83
C GLY A 231 7.19 -14.71 6.82
N ALA A 232 6.10 -13.96 6.72
CA ALA A 232 5.02 -14.27 5.80
C ALA A 232 5.47 -14.15 4.35
N ILE A 233 6.42 -13.25 4.10
CA ILE A 233 6.92 -13.04 2.75
C ILE A 233 7.78 -14.22 2.31
N LEU A 234 8.61 -14.73 3.21
CA LEU A 234 9.44 -15.89 2.89
C LEU A 234 8.52 -17.06 2.63
N GLU A 235 7.49 -17.19 3.47
CA GLU A 235 6.50 -18.25 3.37
C GLU A 235 5.78 -18.19 2.03
N ALA A 236 5.34 -16.98 1.64
CA ALA A 236 4.63 -16.79 0.38
C ALA A 236 5.52 -17.13 -0.82
N ILE A 237 6.78 -16.70 -0.74
CA ILE A 237 7.75 -16.95 -1.80
C ILE A 237 7.89 -18.45 -2.03
N ALA A 238 7.83 -19.23 -0.95
CA ALA A 238 7.93 -20.67 -1.06
C ALA A 238 6.62 -21.23 -1.59
N HIS A 239 5.51 -20.68 -1.11
CA HIS A 239 4.18 -21.12 -1.53
C HIS A 239 3.96 -20.98 -3.03
N PHE A 240 4.26 -19.81 -3.59
CA PHE A 240 4.07 -19.59 -5.02
C PHE A 240 5.28 -20.04 -5.82
N ASP A 241 6.19 -20.74 -5.16
CA ASP A 241 7.42 -21.23 -5.78
C ASP A 241 8.10 -20.17 -6.63
N PHE A 242 8.29 -18.99 -6.05
CA PHE A 242 8.94 -17.87 -6.74
C PHE A 242 10.44 -18.06 -6.52
N LEU A 243 11.24 -17.36 -7.32
CA LEU A 243 12.70 -17.45 -7.20
C LEU A 243 13.10 -18.91 -7.21
N SER A 244 12.46 -19.66 -8.10
CA SER A 244 12.71 -21.09 -8.25
C SER A 244 14.18 -21.33 -8.53
C1 GLC B . 0.30 5.49 7.51
C2 GLC B . 0.42 6.95 7.05
C3 GLC B . -0.94 7.65 7.23
C4 GLC B . -2.06 6.86 6.54
C5 GLC B . -2.02 5.37 6.94
C6 GLC B . -2.95 4.57 6.06
O1 GLC B . 1.51 4.84 7.29
O2 GLC B . 1.42 7.61 7.83
O3 GLC B . -0.88 8.96 6.66
O4 GLC B . -3.32 7.41 6.91
O5 GLC B . -0.70 4.82 6.74
O6 GLC B . -2.60 4.74 4.69
MG MG C . -0.68 -1.47 5.48
#